data_5H0Q
#
_entry.id   5H0Q
#
_cell.length_a   75.763
_cell.length_b   75.763
_cell.length_c   92.804
_cell.angle_alpha   90.00
_cell.angle_beta   90.00
_cell.angle_gamma   120.00
#
_symmetry.space_group_name_H-M   'P 65'
#
loop_
_entity.id
_entity.type
_entity.pdbx_description
1 polymer 'Lipid binding protein'
2 water water
#
_entity_poly.entity_id   1
_entity_poly.type   'polypeptide(L)'
_entity_poly.pdbx_seq_one_letter_code
;MLYGVEIDEQYLRVMEEYKDKEVITQADMAKVALQRKNVYQDQAEKRQAELKAEYGVGVCVLVRVYNATGGPITAKIEES
FRGHFGAHTREKRIGNGQWTVFIHTKSAGAAVGSAGCIVYGTTDNLDIFSGWQNPWNRSWDSQVLVEVRQSGHWWKNGSK
DYMLHLLDTHNGQNSDSSYGDVKAHGSTGNETTAYVEYVYSR
;
_entity_poly.pdbx_strand_id   A
#
# COMPACT_ATOMS: atom_id res chain seq x y z
N MET A 1 1.33 -10.88 -7.62
N MET A 1 -0.94 -11.44 -7.68
CA MET A 1 -0.05 -10.94 -7.04
CA MET A 1 0.31 -10.97 -7.01
C MET A 1 0.02 -10.81 -5.51
C MET A 1 0.10 -10.81 -5.51
N LEU A 2 0.04 -11.93 -4.81
CA LEU A 2 -0.11 -11.98 -3.36
C LEU A 2 1.03 -12.78 -2.76
N TYR A 3 1.74 -12.21 -1.79
CA TYR A 3 2.89 -12.85 -1.18
C TYR A 3 2.73 -12.95 0.32
N GLY A 4 3.17 -14.07 0.88
CA GLY A 4 3.09 -14.32 2.31
C GLY A 4 1.88 -15.16 2.70
N VAL A 5 1.94 -15.65 3.94
N VAL A 5 1.92 -15.63 3.95
CA VAL A 5 0.87 -16.44 4.53
CA VAL A 5 0.86 -16.46 4.50
C VAL A 5 0.00 -15.52 5.38
C VAL A 5 0.02 -15.63 5.47
N GLU A 6 -1.30 -15.77 5.35
CA GLU A 6 -2.22 -14.97 6.17
C GLU A 6 -2.03 -15.30 7.65
N ILE A 7 -1.86 -14.25 8.47
CA ILE A 7 -1.58 -14.38 9.89
C ILE A 7 -2.90 -14.11 10.60
N ASP A 8 -3.58 -15.19 10.99
CA ASP A 8 -4.90 -15.11 11.60
C ASP A 8 -4.91 -15.87 12.92
N GLU A 9 -6.10 -16.12 13.48
CA GLU A 9 -6.14 -16.75 14.80
C GLU A 9 -5.42 -18.10 14.79
N GLN A 10 -5.63 -18.90 13.75
CA GLN A 10 -5.05 -20.25 13.73
C GLN A 10 -3.53 -20.20 13.68
N TYR A 11 -2.97 -19.24 12.94
CA TYR A 11 -1.53 -19.00 12.94
C TYR A 11 -1.03 -18.72 14.36
N LEU A 12 -1.71 -17.84 15.09
CA LEU A 12 -1.20 -17.50 16.42
C LEU A 12 -1.41 -18.60 17.43
N ARG A 13 -2.44 -19.44 17.27
CA ARG A 13 -2.72 -20.47 18.27
C ARG A 13 -1.70 -21.59 18.26
N VAL A 14 -0.88 -21.72 17.20
CA VAL A 14 0.23 -22.67 17.23
C VAL A 14 1.52 -22.02 17.73
N MET A 15 1.50 -20.73 18.02
CA MET A 15 2.67 -20.05 18.55
C MET A 15 2.75 -20.18 20.07
N GLU A 16 3.97 -20.36 20.57
CA GLU A 16 4.16 -20.51 22.02
C GLU A 16 3.55 -19.36 22.78
N GLU A 17 3.74 -18.14 22.28
CA GLU A 17 3.33 -16.96 23.03
C GLU A 17 1.82 -16.83 23.14
N TYR A 18 1.04 -17.47 22.26
CA TYR A 18 -0.40 -17.23 22.21
C TYR A 18 -1.28 -18.49 22.35
N LYS A 19 -0.69 -19.69 22.35
CA LYS A 19 -1.50 -20.90 22.21
C LYS A 19 -2.46 -21.09 23.37
N ASP A 20 -2.12 -20.59 24.56
CA ASP A 20 -2.96 -20.75 25.75
C ASP A 20 -3.74 -19.49 26.10
N LYS A 21 -3.75 -18.50 25.22
CA LYS A 21 -4.46 -17.26 25.48
C LYS A 21 -5.96 -17.45 25.25
N GLU A 22 -6.77 -16.92 26.16
N GLU A 22 -6.76 -16.91 26.16
CA GLU A 22 -8.21 -17.09 26.06
CA GLU A 22 -8.21 -17.09 26.06
C GLU A 22 -8.75 -16.42 24.81
C GLU A 22 -8.75 -16.42 24.81
N VAL A 23 -8.36 -15.18 24.57
CA VAL A 23 -8.79 -14.42 23.39
C VAL A 23 -7.58 -13.83 22.69
N ILE A 24 -7.38 -14.22 21.44
CA ILE A 24 -6.33 -13.66 20.59
C ILE A 24 -6.92 -12.45 19.89
N THR A 25 -6.33 -11.30 20.11
CA THR A 25 -6.92 -10.05 19.68
C THR A 25 -6.42 -9.65 18.31
N GLN A 26 -7.06 -8.62 17.77
CA GLN A 26 -6.56 -8.02 16.53
C GLN A 26 -5.21 -7.39 16.74
N ALA A 27 -4.98 -6.82 17.93
CA ALA A 27 -3.67 -6.27 18.25
C ALA A 27 -2.61 -7.35 18.24
N ASP A 28 -2.94 -8.54 18.76
CA ASP A 28 -1.97 -9.66 18.76
C ASP A 28 -1.63 -10.06 17.33
N MET A 29 -2.64 -10.19 16.46
CA MET A 29 -2.36 -10.63 15.10
C MET A 29 -1.59 -9.56 14.34
N ALA A 30 -1.87 -8.29 14.61
CA ALA A 30 -1.15 -7.20 13.97
C ALA A 30 0.31 -7.18 14.41
N LYS A 31 0.56 -7.45 15.70
CA LYS A 31 1.93 -7.44 16.19
C LYS A 31 2.75 -8.53 15.51
N VAL A 32 2.18 -9.72 15.38
CA VAL A 32 2.90 -10.80 14.73
C VAL A 32 3.15 -10.47 13.26
N ALA A 33 2.17 -9.91 12.57
CA ALA A 33 2.38 -9.55 11.17
C ALA A 33 3.50 -8.54 11.03
N LEU A 34 3.52 -7.53 11.88
CA LEU A 34 4.60 -6.56 11.80
C LEU A 34 5.94 -7.21 12.09
N GLN A 35 5.95 -8.24 12.95
CA GLN A 35 7.20 -8.96 13.23
C GLN A 35 7.65 -9.79 12.03
N ARG A 36 6.71 -10.33 11.26
CA ARG A 36 7.00 -11.17 10.10
C ARG A 36 7.17 -10.38 8.81
N LYS A 37 7.24 -9.05 8.89
CA LYS A 37 7.27 -8.24 7.68
C LYS A 37 8.38 -8.68 6.74
N ASN A 38 9.52 -9.05 7.28
CA ASN A 38 10.65 -9.28 6.39
C ASN A 38 10.72 -10.71 5.85
N VAL A 39 9.83 -11.59 6.30
CA VAL A 39 9.90 -13.00 5.88
C VAL A 39 9.63 -13.14 4.38
N TYR A 40 8.61 -12.45 3.84
CA TYR A 40 8.30 -12.52 2.42
C TYR A 40 8.63 -11.23 1.68
N GLN A 41 9.27 -10.26 2.33
CA GLN A 41 9.52 -8.98 1.68
C GLN A 41 10.41 -9.14 0.45
N ASP A 42 11.39 -10.05 0.52
N ASP A 42 11.39 -10.05 0.52
CA ASP A 42 12.27 -10.26 -0.64
CA ASP A 42 12.26 -10.25 -0.64
C ASP A 42 11.46 -10.68 -1.86
C ASP A 42 11.48 -10.70 -1.87
N GLN A 43 10.42 -11.49 -1.67
CA GLN A 43 9.58 -11.87 -2.79
C GLN A 43 8.88 -10.66 -3.36
N ALA A 44 8.38 -9.79 -2.48
CA ALA A 44 7.73 -8.58 -2.97
C ALA A 44 8.74 -7.68 -3.71
N GLU A 45 9.94 -7.53 -3.14
CA GLU A 45 10.97 -6.73 -3.82
C GLU A 45 11.38 -7.38 -5.14
N LYS A 46 11.48 -8.70 -5.19
CA LYS A 46 11.79 -9.37 -6.45
C LYS A 46 10.74 -9.04 -7.51
N ARG A 47 9.46 -8.97 -7.12
CA ARG A 47 8.42 -8.61 -8.08
C ARG A 47 8.53 -7.15 -8.50
N GLN A 48 8.85 -6.25 -7.56
CA GLN A 48 9.10 -4.86 -7.96
C GLN A 48 10.21 -4.80 -9.01
N ALA A 49 11.27 -5.58 -8.82
CA ALA A 49 12.38 -5.54 -9.78
C ALA A 49 11.93 -6.07 -11.14
N GLU A 50 11.18 -7.18 -11.16
CA GLU A 50 10.64 -7.71 -12.42
C GLU A 50 9.88 -6.65 -13.18
N LEU A 51 8.91 -6.03 -12.49
CA LEU A 51 8.06 -5.01 -13.12
C LEU A 51 8.90 -3.84 -13.65
N LYS A 52 9.89 -3.40 -12.88
CA LYS A 52 10.73 -2.30 -13.33
C LYS A 52 11.54 -2.70 -14.55
N ALA A 53 12.12 -3.90 -14.54
CA ALA A 53 12.85 -4.37 -15.70
C ALA A 53 11.94 -4.48 -16.92
N GLU A 54 10.71 -4.95 -16.73
CA GLU A 54 9.77 -5.08 -17.85
C GLU A 54 9.32 -3.71 -18.36
N TYR A 55 9.15 -2.73 -17.47
CA TYR A 55 8.72 -1.41 -17.92
C TYR A 55 9.86 -0.66 -18.59
N GLY A 56 11.05 -0.66 -17.98
CA GLY A 56 12.18 0.05 -18.54
C GLY A 56 12.27 1.51 -18.12
N VAL A 57 12.60 2.36 -19.08
CA VAL A 57 12.84 3.77 -18.83
C VAL A 57 11.56 4.55 -19.06
N GLY A 58 11.20 5.39 -18.10
CA GLY A 58 10.00 6.20 -18.25
C GLY A 58 9.70 6.86 -16.92
N VAL A 59 8.43 6.92 -16.52
CA VAL A 59 8.07 7.33 -15.17
C VAL A 59 7.07 6.31 -14.67
N CYS A 60 7.34 5.74 -13.50
CA CYS A 60 6.41 4.79 -12.92
C CYS A 60 6.65 4.71 -11.42
N VAL A 61 5.78 3.95 -10.78
CA VAL A 61 5.98 3.55 -9.39
C VAL A 61 5.82 2.05 -9.33
N LEU A 62 6.67 1.42 -8.55
CA LEU A 62 6.66 -0.02 -8.33
C LEU A 62 6.23 -0.18 -6.86
N VAL A 63 4.95 -0.48 -6.64
CA VAL A 63 4.33 -0.36 -5.33
C VAL A 63 4.26 -1.71 -4.66
N ARG A 64 4.79 -1.79 -3.43
CA ARG A 64 4.55 -2.96 -2.59
C ARG A 64 3.73 -2.51 -1.38
N VAL A 65 2.79 -3.34 -0.96
CA VAL A 65 1.84 -3.03 0.11
C VAL A 65 1.88 -4.17 1.10
N TYR A 66 2.10 -3.86 2.40
CA TYR A 66 2.10 -4.87 3.45
C TYR A 66 0.97 -4.57 4.42
N ASN A 67 0.11 -5.55 4.64
CA ASN A 67 -1.00 -5.43 5.59
C ASN A 67 -0.61 -6.08 6.91
N ALA A 68 -0.38 -5.24 7.93
CA ALA A 68 -0.13 -5.67 9.30
C ALA A 68 -1.20 -5.12 10.25
N THR A 69 -2.43 -4.95 9.77
CA THR A 69 -3.49 -4.40 10.62
C THR A 69 -4.16 -5.42 11.53
N GLY A 70 -3.82 -6.68 11.39
CA GLY A 70 -4.41 -7.73 12.19
C GLY A 70 -5.66 -8.34 11.60
N GLY A 71 -6.11 -7.84 10.47
CA GLY A 71 -7.23 -8.43 9.76
C GLY A 71 -7.11 -8.11 8.28
N PRO A 72 -8.00 -8.68 7.47
CA PRO A 72 -7.90 -8.47 6.02
C PRO A 72 -8.32 -7.10 5.59
N ILE A 73 -7.73 -6.63 4.50
CA ILE A 73 -8.15 -5.37 3.88
C ILE A 73 -8.61 -5.68 2.47
N THR A 74 -9.56 -4.90 1.97
CA THR A 74 -10.17 -5.10 0.66
C THR A 74 -10.03 -3.82 -0.16
N ALA A 75 -9.61 -3.97 -1.42
CA ALA A 75 -9.47 -2.83 -2.32
C ALA A 75 -10.86 -2.27 -2.62
N LYS A 76 -11.06 -0.99 -2.35
CA LYS A 76 -12.37 -0.38 -2.59
C LYS A 76 -12.40 0.59 -3.75
N ILE A 77 -11.31 1.32 -3.95
CA ILE A 77 -11.17 2.30 -5.02
C ILE A 77 -9.78 2.16 -5.59
N GLU A 78 -9.69 2.24 -6.92
CA GLU A 78 -8.44 2.47 -7.64
C GLU A 78 -8.67 3.65 -8.56
N GLU A 79 -7.77 4.63 -8.55
CA GLU A 79 -7.95 5.80 -9.40
C GLU A 79 -6.62 6.23 -10.00
N SER A 80 -6.60 6.43 -11.31
CA SER A 80 -5.47 7.04 -12.02
C SER A 80 -5.75 8.53 -12.21
N PHE A 81 -4.89 9.37 -11.65
CA PHE A 81 -4.97 10.79 -11.95
C PHE A 81 -4.13 11.15 -13.17
N ARG A 82 -2.94 10.57 -13.28
CA ARG A 82 -2.12 10.67 -14.48
C ARG A 82 -1.52 9.30 -14.71
N GLY A 83 -1.61 8.79 -15.93
CA GLY A 83 -1.07 7.48 -16.23
C GLY A 83 -2.11 6.39 -16.08
N HIS A 84 -1.63 5.17 -15.84
CA HIS A 84 -2.50 4.01 -15.81
C HIS A 84 -1.82 2.89 -15.06
N PHE A 85 -2.64 1.98 -14.58
CA PHE A 85 -2.16 0.77 -13.93
C PHE A 85 -1.60 -0.21 -14.96
N GLY A 86 -0.76 -1.11 -14.47
CA GLY A 86 -0.28 -2.19 -15.29
C GLY A 86 -1.41 -3.11 -15.72
N ALA A 87 -1.07 -4.01 -16.65
CA ALA A 87 -2.07 -4.89 -17.24
C ALA A 87 -2.63 -5.88 -16.23
N HIS A 88 -1.78 -6.40 -15.34
CA HIS A 88 -2.22 -7.41 -14.40
C HIS A 88 -3.23 -6.82 -13.41
N THR A 89 -4.30 -7.56 -13.16
CA THR A 89 -5.33 -7.12 -12.25
C THR A 89 -4.79 -7.02 -10.83
N ARG A 90 -5.27 -6.02 -10.09
CA ARG A 90 -4.87 -5.86 -8.70
C ARG A 90 -5.60 -6.86 -7.82
N GLU A 91 -4.99 -7.18 -6.68
CA GLU A 91 -5.60 -8.10 -5.73
C GLU A 91 -6.70 -7.38 -4.96
N LYS A 92 -7.85 -8.04 -4.82
CA LYS A 92 -8.97 -7.41 -4.14
C LYS A 92 -8.90 -7.55 -2.63
N ARG A 93 -8.22 -8.58 -2.13
CA ARG A 93 -8.21 -8.88 -0.70
C ARG A 93 -6.79 -9.23 -0.29
N ILE A 94 -6.26 -8.52 0.69
CA ILE A 94 -4.92 -8.75 1.21
C ILE A 94 -5.05 -9.18 2.67
N GLY A 95 -4.66 -10.40 2.99
CA GLY A 95 -4.72 -10.83 4.37
C GLY A 95 -3.69 -10.15 5.23
N ASN A 96 -3.93 -10.18 6.55
CA ASN A 96 -2.92 -9.75 7.48
C ASN A 96 -1.68 -10.61 7.24
N GLY A 97 -0.50 -9.98 7.22
CA GLY A 97 0.72 -10.70 6.93
C GLY A 97 1.01 -10.92 5.47
N GLN A 98 0.18 -10.40 4.57
CA GLN A 98 0.39 -10.56 3.15
C GLN A 98 0.79 -9.25 2.49
N TRP A 99 1.53 -9.39 1.39
CA TRP A 99 1.93 -8.31 0.49
C TRP A 99 1.16 -8.39 -0.83
N THR A 100 0.95 -7.23 -1.46
CA THR A 100 0.71 -7.22 -2.89
C THR A 100 1.66 -6.23 -3.56
N VAL A 101 1.84 -6.42 -4.86
CA VAL A 101 2.76 -5.61 -5.66
C VAL A 101 2.07 -5.26 -6.95
N PHE A 102 2.22 -4.01 -7.39
CA PHE A 102 1.72 -3.63 -8.70
C PHE A 102 2.54 -2.46 -9.23
N ILE A 103 2.40 -2.22 -10.53
CA ILE A 103 3.03 -1.08 -11.17
C ILE A 103 1.95 -0.09 -11.58
N HIS A 104 2.31 1.18 -11.53
CA HIS A 104 1.52 2.23 -12.14
C HIS A 104 2.50 3.09 -12.95
N THR A 105 2.15 3.40 -14.18
CA THR A 105 3.07 4.08 -15.07
C THR A 105 2.42 5.30 -15.69
N LYS A 106 3.26 6.19 -16.21
CA LYS A 106 2.77 7.30 -16.99
C LYS A 106 2.09 6.76 -18.25
N SER A 107 1.38 7.65 -18.93
CA SER A 107 0.76 7.27 -20.18
C SER A 107 1.83 7.06 -21.25
N ALA A 108 1.61 6.07 -22.09
CA ALA A 108 2.57 5.75 -23.14
C ALA A 108 2.87 6.97 -23.98
N GLY A 109 4.16 7.24 -24.16
CA GLY A 109 4.58 8.32 -25.03
C GLY A 109 4.45 9.71 -24.48
N ALA A 110 3.86 9.87 -23.29
CA ALA A 110 3.51 11.18 -22.81
C ALA A 110 4.60 11.78 -21.94
N ALA A 111 4.79 13.07 -22.07
CA ALA A 111 5.64 13.86 -21.18
C ALA A 111 4.86 14.27 -19.92
N VAL A 112 4.37 13.25 -19.25
CA VAL A 112 3.54 13.39 -18.05
C VAL A 112 3.97 12.27 -17.12
N GLY A 113 3.73 12.45 -15.82
CA GLY A 113 4.16 11.49 -14.82
C GLY A 113 3.09 10.48 -14.43
N SER A 114 3.31 9.85 -13.28
CA SER A 114 2.44 8.81 -12.74
C SER A 114 1.83 9.34 -11.45
N ALA A 115 0.49 9.36 -11.38
CA ALA A 115 -0.19 9.80 -10.19
C ALA A 115 -1.47 9.01 -10.01
N GLY A 116 -1.69 8.46 -8.82
CA GLY A 116 -2.85 7.62 -8.62
C GLY A 116 -3.00 7.25 -7.17
N CYS A 117 -3.96 6.37 -6.90
CA CYS A 117 -4.17 5.91 -5.54
C CYS A 117 -4.95 4.62 -5.52
N ILE A 118 -4.82 3.93 -4.41
CA ILE A 118 -5.68 2.80 -4.07
C ILE A 118 -6.21 3.09 -2.67
N VAL A 119 -7.47 2.75 -2.45
CA VAL A 119 -8.12 2.90 -1.15
C VAL A 119 -8.50 1.51 -0.68
N TYR A 120 -7.97 1.12 0.47
CA TYR A 120 -8.29 -0.17 1.08
C TYR A 120 -9.21 0.01 2.26
N GLY A 121 -10.18 -0.89 2.41
CA GLY A 121 -11.08 -0.90 3.56
C GLY A 121 -10.66 -1.96 4.56
N THR A 122 -10.86 -1.65 5.84
CA THR A 122 -10.59 -2.57 6.93
C THR A 122 -11.88 -3.15 7.49
N THR A 123 -11.73 -4.15 8.34
CA THR A 123 -12.89 -4.79 8.93
C THR A 123 -13.57 -3.92 9.98
N ASP A 124 -12.85 -2.96 10.55
CA ASP A 124 -13.44 -2.02 11.49
C ASP A 124 -13.85 -0.72 10.81
N ASN A 125 -14.10 -0.77 9.50
CA ASN A 125 -14.84 0.27 8.78
C ASN A 125 -14.05 1.56 8.70
N LEU A 126 -12.74 1.41 8.46
CA LEU A 126 -11.84 2.47 8.07
C LEU A 126 -11.43 2.26 6.62
N ASP A 127 -11.14 3.35 5.94
CA ASP A 127 -10.56 3.31 4.62
C ASP A 127 -9.18 3.94 4.68
N ILE A 128 -8.24 3.35 3.94
CA ILE A 128 -6.88 3.83 3.91
C ILE A 128 -6.60 4.29 2.49
N PHE A 129 -6.39 5.59 2.31
CA PHE A 129 -5.98 6.15 1.03
C PHE A 129 -4.46 6.02 0.90
N SER A 130 -4.00 5.41 -0.20
CA SER A 130 -2.58 5.28 -0.47
C SER A 130 -2.32 5.84 -1.86
N GLY A 131 -1.66 6.98 -1.92
CA GLY A 131 -1.48 7.69 -3.16
C GLY A 131 -0.02 7.98 -3.47
N TRP A 132 0.25 8.15 -4.75
CA TRP A 132 1.58 8.47 -5.22
C TRP A 132 1.47 9.54 -6.28
N GLN A 133 2.55 10.28 -6.46
CA GLN A 133 2.61 11.31 -7.48
C GLN A 133 4.09 11.43 -7.84
N ASN A 134 4.44 10.93 -9.02
CA ASN A 134 5.82 10.86 -9.48
C ASN A 134 5.92 11.69 -10.75
N PRO A 135 6.51 12.88 -10.70
CA PRO A 135 6.36 13.82 -11.81
C PRO A 135 7.34 13.59 -12.95
N TRP A 136 6.91 13.98 -14.14
CA TRP A 136 7.80 13.94 -15.31
C TRP A 136 8.86 15.02 -15.22
N ASN A 137 8.50 16.19 -14.69
CA ASN A 137 9.44 17.31 -14.59
C ASN A 137 10.24 17.16 -13.30
N ARG A 138 11.52 16.84 -13.43
CA ARG A 138 12.30 16.48 -12.25
C ARG A 138 12.89 17.68 -11.54
N SER A 139 12.43 18.89 -11.86
CA SER A 139 12.58 19.97 -10.90
C SER A 139 11.81 19.69 -9.61
N TRP A 140 10.87 18.76 -9.66
CA TRP A 140 10.06 18.36 -8.51
C TRP A 140 10.43 16.93 -8.09
N ASP A 141 10.00 16.56 -6.89
CA ASP A 141 10.38 15.30 -6.30
C ASP A 141 9.21 14.31 -6.35
N SER A 142 9.56 13.03 -6.34
CA SER A 142 8.58 11.99 -6.10
C SER A 142 7.89 12.19 -4.76
N GLN A 143 6.58 11.90 -4.73
CA GLN A 143 5.73 12.12 -3.57
C GLN A 143 4.92 10.88 -3.23
N VAL A 144 4.58 10.74 -1.94
CA VAL A 144 3.74 9.66 -1.45
C VAL A 144 2.85 10.22 -0.35
N LEU A 145 1.66 9.64 -0.19
CA LEU A 145 0.69 10.16 0.76
C LEU A 145 -0.21 9.04 1.26
N VAL A 146 -0.36 8.93 2.57
CA VAL A 146 -1.34 8.02 3.15
C VAL A 146 -2.28 8.82 4.04
N GLU A 147 -3.53 8.40 4.07
CA GLU A 147 -4.52 8.94 5.02
C GLU A 147 -5.41 7.80 5.48
N VAL A 148 -5.61 7.69 6.79
CA VAL A 148 -6.57 6.77 7.37
C VAL A 148 -7.78 7.59 7.78
N ARG A 149 -8.96 7.20 7.31
CA ARG A 149 -10.20 7.91 7.61
C ARG A 149 -11.34 6.92 7.76
N GLN A 150 -12.52 7.44 8.13
CA GLN A 150 -13.71 6.60 8.19
C GLN A 150 -14.01 6.04 6.81
N SER A 151 -14.57 4.83 6.79
CA SER A 151 -15.01 4.22 5.54
C SER A 151 -15.92 5.17 4.77
N GLY A 152 -15.75 5.22 3.46
CA GLY A 152 -16.53 6.08 2.61
C GLY A 152 -16.04 7.51 2.51
N HIS A 153 -14.95 7.84 3.19
CA HIS A 153 -14.45 9.22 3.18
C HIS A 153 -14.17 9.71 1.77
N TRP A 154 -13.63 8.85 0.91
CA TRP A 154 -13.37 9.21 -0.48
C TRP A 154 -14.50 8.64 -1.30
N TRP A 155 -15.09 9.38 -2.22
CA TRP A 155 -14.69 10.75 -2.60
C TRP A 155 -15.57 11.83 -1.96
N LYS A 156 -16.56 11.44 -1.17
CA LYS A 156 -17.53 12.44 -0.72
C LYS A 156 -16.88 13.52 0.15
N ASN A 157 -15.95 13.14 1.02
CA ASN A 157 -15.29 14.10 1.91
C ASN A 157 -13.90 14.51 1.42
N GLY A 158 -13.43 13.91 0.34
CA GLY A 158 -12.19 14.29 -0.30
C GLY A 158 -12.27 14.00 -1.78
N SER A 159 -12.49 15.04 -2.58
CA SER A 159 -12.69 14.85 -4.00
C SER A 159 -11.40 14.40 -4.68
N LYS A 160 -11.57 13.83 -5.87
CA LYS A 160 -10.41 13.46 -6.69
C LYS A 160 -9.53 14.66 -6.94
N ASP A 161 -10.14 15.81 -7.25
CA ASP A 161 -9.33 16.99 -7.52
C ASP A 161 -8.57 17.42 -6.29
N TYR A 162 -9.18 17.27 -5.11
CA TYR A 162 -8.53 17.70 -3.87
C TYR A 162 -7.40 16.75 -3.49
N MET A 163 -7.62 15.45 -3.61
CA MET A 163 -6.54 14.51 -3.31
C MET A 163 -5.36 14.69 -4.26
N LEU A 164 -5.62 14.95 -5.54
CA LEU A 164 -4.52 15.21 -6.47
C LEU A 164 -3.78 16.48 -6.08
N HIS A 165 -4.51 17.50 -5.62
CA HIS A 165 -3.87 18.72 -5.14
C HIS A 165 -2.94 18.44 -3.97
N LEU A 166 -3.38 17.59 -3.04
CA LEU A 166 -2.50 17.20 -1.94
C LEU A 166 -1.27 16.46 -2.46
N LEU A 167 -1.46 15.62 -3.46
CA LEU A 167 -0.33 14.87 -4.02
C LEU A 167 0.65 15.79 -4.74
N ASP A 168 0.15 16.80 -5.44
CA ASP A 168 1.03 17.68 -6.21
C ASP A 168 1.80 18.64 -5.31
N THR A 169 1.21 19.03 -4.18
CA THR A 169 1.83 19.98 -3.29
C THR A 169 2.52 19.33 -2.10
N HIS A 170 2.50 18.01 -2.03
CA HIS A 170 3.21 17.30 -0.97
C HIS A 170 4.70 17.64 -1.05
N ASN A 171 5.38 17.54 0.10
CA ASN A 171 6.81 17.85 0.17
C ASN A 171 7.49 16.83 1.07
N GLY A 172 7.46 15.56 0.65
CA GLY A 172 8.12 14.51 1.41
C GLY A 172 8.04 13.16 0.74
N GLN A 173 9.08 12.36 0.89
CA GLN A 173 9.11 11.01 0.37
C GLN A 173 8.71 9.98 1.42
N ASN A 174 8.15 10.44 2.55
CA ASN A 174 7.53 9.60 3.55
C ASN A 174 6.20 10.25 3.90
N SER A 175 5.27 9.43 4.39
CA SER A 175 3.97 9.94 4.82
C SER A 175 3.46 9.02 5.92
N ASP A 176 2.82 9.61 6.92
CA ASP A 176 2.30 8.84 8.06
C ASP A 176 0.91 9.36 8.44
N SER A 177 0.03 8.45 8.81
CA SER A 177 -1.33 8.81 9.18
C SER A 177 -1.84 7.82 10.21
N SER A 178 -2.72 8.29 11.09
CA SER A 178 -3.35 7.40 12.07
C SER A 178 -4.82 7.78 12.24
N TYR A 179 -5.69 6.78 12.32
CA TYR A 179 -7.09 7.02 12.68
C TYR A 179 -7.61 5.80 13.43
N GLY A 180 -8.32 6.04 14.52
CA GLY A 180 -8.72 4.92 15.36
C GLY A 180 -7.52 4.14 15.84
N ASP A 181 -7.55 2.82 15.64
CA ASP A 181 -6.46 1.96 16.08
C ASP A 181 -5.42 1.73 14.98
N VAL A 182 -5.68 2.23 13.76
CA VAL A 182 -4.92 1.86 12.56
C VAL A 182 -3.94 2.96 12.21
N LYS A 183 -2.75 2.54 11.78
CA LYS A 183 -1.71 3.41 11.28
C LYS A 183 -1.35 3.05 9.85
N ALA A 184 -0.95 4.06 9.10
CA ALA A 184 -0.48 3.85 7.75
C ALA A 184 0.81 4.62 7.58
N HIS A 185 1.69 4.05 6.74
CA HIS A 185 2.98 4.63 6.40
C HIS A 185 3.22 4.41 4.91
N GLY A 186 3.69 5.46 4.25
CA GLY A 186 4.13 5.34 2.87
C GLY A 186 5.55 5.88 2.72
N SER A 187 6.30 5.26 1.81
CA SER A 187 7.60 5.78 1.43
C SER A 187 7.81 5.60 -0.07
N THR A 188 8.61 6.49 -0.66
CA THR A 188 8.94 6.43 -2.07
C THR A 188 10.40 6.80 -2.25
N GLY A 189 11.03 6.17 -3.24
CA GLY A 189 12.26 6.71 -3.74
C GLY A 189 12.01 7.99 -4.51
N ASN A 190 13.04 8.80 -4.65
CA ASN A 190 12.95 10.03 -5.43
C ASN A 190 13.67 9.78 -6.76
N GLU A 191 12.95 9.16 -7.69
CA GLU A 191 13.50 8.87 -9.02
C GLU A 191 12.35 8.60 -9.98
N THR A 192 12.68 8.62 -11.27
CA THR A 192 11.65 8.48 -12.30
C THR A 192 10.96 7.12 -12.22
N THR A 193 11.71 6.05 -11.92
CA THR A 193 11.11 4.73 -11.76
C THR A 193 11.33 4.34 -10.29
N ALA A 194 10.36 4.68 -9.44
CA ALA A 194 10.56 4.71 -8.00
C ALA A 194 9.91 3.52 -7.31
N TYR A 195 10.62 2.92 -6.37
CA TYR A 195 10.01 1.94 -5.47
C TYR A 195 9.16 2.69 -4.47
N VAL A 196 7.96 2.17 -4.24
CA VAL A 196 7.05 2.72 -3.24
C VAL A 196 6.67 1.59 -2.31
N GLU A 197 6.58 1.88 -1.00
CA GLU A 197 6.13 0.92 -0.01
C GLU A 197 5.06 1.55 0.87
N TYR A 198 3.93 0.85 1.02
CA TYR A 198 2.90 1.20 1.99
C TYR A 198 2.84 0.11 3.04
N VAL A 199 2.78 0.50 4.32
CA VAL A 199 2.62 -0.44 5.41
C VAL A 199 1.46 0.03 6.27
N TYR A 200 0.51 -0.85 6.51
CA TYR A 200 -0.62 -0.58 7.39
C TYR A 200 -0.45 -1.41 8.66
N SER A 201 -0.60 -0.77 9.84
CA SER A 201 -0.34 -1.46 11.09
C SER A 201 -1.37 -1.04 12.14
N ARG A 202 -1.36 -1.72 13.28
CA ARG A 202 -2.28 -1.47 14.40
C ARG A 202 -1.51 -1.41 15.72
#